data_2ANA
# 
_entry.id   2ANA 
# 
_audit_conform.dict_name       mmcif_pdbx.dic 
_audit_conform.dict_version    5.387 
_audit_conform.dict_location   http://mmcif.pdb.org/dictionaries/ascii/mmcif_pdbx.dic 
# 
loop_
_database_2.database_id 
_database_2.database_code 
_database_2.pdbx_database_accession 
_database_2.pdbx_DOI 
PDB   2ANA         pdb_00002ana 10.2210/pdb2ana/pdb 
RCSB  ADH006       ?            ?                   
WWPDB D_1000177764 ?            ?                   
# 
loop_
_pdbx_audit_revision_history.ordinal 
_pdbx_audit_revision_history.data_content_type 
_pdbx_audit_revision_history.major_revision 
_pdbx_audit_revision_history.minor_revision 
_pdbx_audit_revision_history.revision_date 
1 'Structure model' 1 0 1985-08-05 
2 'Structure model' 1 1 2008-05-22 
3 'Structure model' 1 2 2011-07-13 
4 'Structure model' 1 3 2018-04-18 
5 'Structure model' 1 4 2024-02-14 
# 
_pdbx_audit_revision_details.ordinal             1 
_pdbx_audit_revision_details.revision_ordinal    1 
_pdbx_audit_revision_details.data_content_type   'Structure model' 
_pdbx_audit_revision_details.provider            repository 
_pdbx_audit_revision_details.type                'Initial release' 
_pdbx_audit_revision_details.description         ? 
_pdbx_audit_revision_details.details             ? 
# 
loop_
_pdbx_audit_revision_group.ordinal 
_pdbx_audit_revision_group.revision_ordinal 
_pdbx_audit_revision_group.data_content_type 
_pdbx_audit_revision_group.group 
1 2 'Structure model' 'Version format compliance' 
2 3 'Structure model' 'Version format compliance' 
3 4 'Structure model' 'Data collection'           
4 5 'Structure model' 'Data collection'           
5 5 'Structure model' 'Database references'       
# 
loop_
_pdbx_audit_revision_category.ordinal 
_pdbx_audit_revision_category.revision_ordinal 
_pdbx_audit_revision_category.data_content_type 
_pdbx_audit_revision_category.category 
1 4 'Structure model' diffrn_detector 
2 5 'Structure model' chem_comp_atom  
3 5 'Structure model' chem_comp_bond  
4 5 'Structure model' database_2      
# 
loop_
_pdbx_audit_revision_item.ordinal 
_pdbx_audit_revision_item.revision_ordinal 
_pdbx_audit_revision_item.data_content_type 
_pdbx_audit_revision_item.item 
1 4 'Structure model' '_diffrn_detector.detector'           
2 5 'Structure model' '_database_2.pdbx_DOI'                
3 5 'Structure model' '_database_2.pdbx_database_accession' 
# 
_pdbx_database_status.status_code                     REL 
_pdbx_database_status.entry_id                        2ANA 
_pdbx_database_status.recvd_initial_deposition_date   1985-08-05 
_pdbx_database_status.deposit_site                    BNL 
_pdbx_database_status.process_site                    BNL 
_pdbx_database_status.status_code_sf                  REL 
_pdbx_database_status.status_code_mr                  ? 
_pdbx_database_status.SG_entry                        ? 
_pdbx_database_status.pdb_format_compatible           Y 
_pdbx_database_status.status_code_cs                  ? 
_pdbx_database_status.methods_development_category    ? 
_pdbx_database_status.status_code_nmr_data            ? 
# 
loop_
_audit_author.name 
_audit_author.pdbx_ordinal 
'McCall, M.'  1 
'Brown, T.'   2 
'Kennard, O.' 3 
# 
_citation.id                        primary 
_citation.title                     'The crystal structure of d(G-G-G-G-C-C-C-C). A model for poly(dG).poly(dC).' 
_citation.journal_abbrev            J.Mol.Biol. 
_citation.journal_volume            183 
_citation.page_first                385 
_citation.page_last                 396 
_citation.year                      1985 
_citation.journal_id_ASTM           JMOBAK 
_citation.country                   UK 
_citation.journal_id_ISSN           0022-2836 
_citation.journal_id_CSD            0070 
_citation.book_publisher            ? 
_citation.pdbx_database_id_PubMed   4020865 
_citation.pdbx_database_id_DOI      '10.1016/0022-2836(85)90009-9' 
# 
loop_
_citation_author.citation_id 
_citation_author.name 
_citation_author.ordinal 
_citation_author.identifier_ORCID 
primary 'McCall, M.'  1 ? 
primary 'Brown, T.'   2 ? 
primary 'Kennard, O.' 3 ? 
# 
_entity.id                         1 
_entity.type                       polymer 
_entity.src_method                 syn 
_entity.pdbx_description           
;DNA (5'-D(*GP*GP*GP*GP*CP*CP*CP*C)-3')
;
_entity.formula_weight             2428.593 
_entity.pdbx_number_of_molecules   2 
_entity.pdbx_ec                    ? 
_entity.pdbx_mutation              ? 
_entity.pdbx_fragment              ? 
_entity.details                    ? 
# 
_entity_poly.entity_id                      1 
_entity_poly.type                           polydeoxyribonucleotide 
_entity_poly.nstd_linkage                   no 
_entity_poly.nstd_monomer                   no 
_entity_poly.pdbx_seq_one_letter_code       '(DG)(DG)(DG)(DG)(DC)(DC)(DC)(DC)' 
_entity_poly.pdbx_seq_one_letter_code_can   GGGGCCCC 
_entity_poly.pdbx_strand_id                 A,B 
_entity_poly.pdbx_target_identifier         ? 
# 
loop_
_entity_poly_seq.entity_id 
_entity_poly_seq.num 
_entity_poly_seq.mon_id 
_entity_poly_seq.hetero 
1 1 DG n 
1 2 DG n 
1 3 DG n 
1 4 DG n 
1 5 DC n 
1 6 DC n 
1 7 DC n 
1 8 DC n 
# 
loop_
_chem_comp.id 
_chem_comp.type 
_chem_comp.mon_nstd_flag 
_chem_comp.name 
_chem_comp.pdbx_synonyms 
_chem_comp.formula 
_chem_comp.formula_weight 
DC 'DNA linking' y "2'-DEOXYCYTIDINE-5'-MONOPHOSPHATE"  ? 'C9 H14 N3 O7 P'  307.197 
DG 'DNA linking' y "2'-DEOXYGUANOSINE-5'-MONOPHOSPHATE" ? 'C10 H14 N5 O7 P' 347.221 
# 
loop_
_pdbx_poly_seq_scheme.asym_id 
_pdbx_poly_seq_scheme.entity_id 
_pdbx_poly_seq_scheme.seq_id 
_pdbx_poly_seq_scheme.mon_id 
_pdbx_poly_seq_scheme.ndb_seq_num 
_pdbx_poly_seq_scheme.pdb_seq_num 
_pdbx_poly_seq_scheme.auth_seq_num 
_pdbx_poly_seq_scheme.pdb_mon_id 
_pdbx_poly_seq_scheme.auth_mon_id 
_pdbx_poly_seq_scheme.pdb_strand_id 
_pdbx_poly_seq_scheme.pdb_ins_code 
_pdbx_poly_seq_scheme.hetero 
A 1 1 DG 1 1  1  DG G A . n 
A 1 2 DG 2 2  2  DG G A . n 
A 1 3 DG 3 3  3  DG G A . n 
A 1 4 DG 4 4  4  DG G A . n 
A 1 5 DC 5 5  5  DC C A . n 
A 1 6 DC 6 6  6  DC C A . n 
A 1 7 DC 7 7  7  DC C A . n 
A 1 8 DC 8 8  8  DC C A . n 
B 1 1 DG 1 9  9  DG G B . n 
B 1 2 DG 2 10 10 DG G B . n 
B 1 3 DG 3 11 11 DG G B . n 
B 1 4 DG 4 12 12 DG G B . n 
B 1 5 DC 5 13 13 DC C B . n 
B 1 6 DC 6 14 14 DC C B . n 
B 1 7 DC 7 15 15 DC C B . n 
B 1 8 DC 8 16 16 DC C B . n 
# 
_software.name             NUCLSQ 
_software.classification   refinement 
_software.version          . 
_software.citation_id      ? 
_software.pdbx_ordinal     1 
# 
_cell.entry_id           2ANA 
_cell.length_a           45.320 
_cell.length_b           45.320 
_cell.length_c           42.250 
_cell.angle_alpha        90.00 
_cell.angle_beta         90.00 
_cell.angle_gamma        120.00 
_cell.Z_PDB              12 
_cell.pdbx_unique_axis   ? 
# 
_symmetry.entry_id                         2ANA 
_symmetry.space_group_name_H-M             'P 61' 
_symmetry.pdbx_full_space_group_name_H-M   ? 
_symmetry.cell_setting                     ? 
_symmetry.Int_Tables_number                169 
# 
_exptl.entry_id          2ANA 
_exptl.method            'X-RAY DIFFRACTION' 
_exptl.crystals_number   ? 
# 
_exptl_crystal.id                    1 
_exptl_crystal.density_meas          ? 
_exptl_crystal.density_Matthews      2.58 
_exptl_crystal.density_percent_sol   52.30 
_exptl_crystal.description           ? 
# 
_exptl_crystal_grow.crystal_id      1 
_exptl_crystal_grow.method          'VAPOR DIFFUSION' 
_exptl_crystal_grow.temp            280.00 
_exptl_crystal_grow.temp_details    ? 
_exptl_crystal_grow.pH              ? 
_exptl_crystal_grow.pdbx_details    'VAPOR DIFFUSION, temperature 280.00K' 
_exptl_crystal_grow.pdbx_pH_range   ? 
# 
loop_
_exptl_crystal_grow_comp.crystal_id 
_exptl_crystal_grow_comp.id 
_exptl_crystal_grow_comp.sol_id 
_exptl_crystal_grow_comp.name 
_exptl_crystal_grow_comp.volume 
_exptl_crystal_grow_comp.conc 
_exptl_crystal_grow_comp.details 
1 1 1 WATER           ? ? ? 
1 2 1 'NA CACODYLATE' ? ? ? 
1 3 1 MGCL2           ? ? ? 
# 
_diffrn.id                     1 
_diffrn.ambient_temp           291.00 
_diffrn.ambient_temp_details   ? 
_diffrn.crystal_id             1 
# 
_diffrn_detector.diffrn_id              1 
_diffrn_detector.detector               DIFFRACTOMETER 
_diffrn_detector.type                   'ENRAF-NONIUS CAD4' 
_diffrn_detector.pdbx_collection_date   ? 
_diffrn_detector.details                ? 
# 
_diffrn_radiation.diffrn_id                        1 
_diffrn_radiation.wavelength_id                    1 
_diffrn_radiation.pdbx_monochromatic_or_laue_m_l   ? 
_diffrn_radiation.monochromator                    ? 
_diffrn_radiation.pdbx_diffrn_protocol             ? 
_diffrn_radiation.pdbx_scattering_type             x-ray 
# 
_diffrn_radiation_wavelength.id           1 
_diffrn_radiation_wavelength.wavelength   . 
_diffrn_radiation_wavelength.wt           1.0 
# 
_diffrn_source.diffrn_id                   1 
_diffrn_source.source                      ? 
_diffrn_source.type                        ? 
_diffrn_source.pdbx_synchrotron_site       ? 
_diffrn_source.pdbx_synchrotron_beamline   ? 
_diffrn_source.pdbx_wavelength             ? 
_diffrn_source.pdbx_wavelength_list        ? 
# 
_reflns.entry_id                     2ANA 
_reflns.observed_criterion_sigma_I   ? 
_reflns.observed_criterion_sigma_F   ? 
_reflns.d_resolution_low             ? 
_reflns.d_resolution_high            2.300 
_reflns.number_obs                   2215 
_reflns.number_all                   ? 
_reflns.percent_possible_obs         ? 
_reflns.pdbx_Rmerge_I_obs            ? 
_reflns.pdbx_Rsym_value              ? 
_reflns.pdbx_netI_over_sigmaI        ? 
_reflns.B_iso_Wilson_estimate        ? 
_reflns.pdbx_redundancy              ? 
_reflns.pdbx_diffrn_id               1 
_reflns.pdbx_ordinal                 1 
# 
_refine.entry_id                                 2ANA 
_refine.ls_number_reflns_obs                     1283 
_refine.ls_number_reflns_all                     ? 
_refine.pdbx_ls_sigma_I                          ? 
_refine.pdbx_ls_sigma_F                          2.000 
_refine.pdbx_data_cutoff_high_absF               ? 
_refine.pdbx_data_cutoff_low_absF                ? 
_refine.pdbx_data_cutoff_high_rms_absF           ? 
_refine.ls_d_res_low                             10.000 
_refine.ls_d_res_high                            2.500 
_refine.ls_percent_reflns_obs                    ? 
_refine.ls_R_factor_obs                          0.1400000 
_refine.ls_R_factor_all                          ? 
_refine.ls_R_factor_R_work                       ? 
_refine.ls_R_factor_R_free                       ? 
_refine.ls_R_factor_R_free_error                 ? 
_refine.ls_R_factor_R_free_error_details         ? 
_refine.ls_percent_reflns_R_free                 ? 
_refine.ls_number_reflns_R_free                  ? 
_refine.ls_number_parameters                     ? 
_refine.ls_number_restraints                     ? 
_refine.occupancy_min                            ? 
_refine.occupancy_max                            ? 
_refine.B_iso_mean                               ? 
_refine.aniso_B[1][1]                            ? 
_refine.aniso_B[2][2]                            ? 
_refine.aniso_B[3][3]                            ? 
_refine.aniso_B[1][2]                            ? 
_refine.aniso_B[1][3]                            ? 
_refine.aniso_B[2][3]                            ? 
_refine.solvent_model_details                    ? 
_refine.solvent_model_param_ksol                 ? 
_refine.solvent_model_param_bsol                 ? 
_refine.pdbx_ls_cross_valid_method               ? 
_refine.details                                  ? 
_refine.pdbx_starting_model                      ? 
_refine.pdbx_method_to_determine_struct          ? 
_refine.pdbx_isotropic_thermal_model             ? 
_refine.pdbx_stereochemistry_target_values       ? 
_refine.pdbx_stereochem_target_val_spec_case     ? 
_refine.pdbx_R_Free_selection_details            ? 
_refine.pdbx_overall_ESU_R                       ? 
_refine.pdbx_overall_ESU_R_Free                  ? 
_refine.overall_SU_ML                            ? 
_refine.overall_SU_B                             ? 
_refine.pdbx_refine_id                           'X-RAY DIFFRACTION' 
_refine.pdbx_diffrn_id                           1 
_refine.pdbx_TLS_residual_ADP_flag               ? 
_refine.correlation_coeff_Fo_to_Fc               ? 
_refine.correlation_coeff_Fo_to_Fc_free          ? 
_refine.pdbx_solvent_vdw_probe_radii             ? 
_refine.pdbx_solvent_ion_probe_radii             ? 
_refine.pdbx_solvent_shrinkage_radii             ? 
_refine.pdbx_overall_phase_error                 ? 
_refine.overall_SU_R_Cruickshank_DPI             ? 
_refine.pdbx_overall_SU_R_free_Cruickshank_DPI   ? 
_refine.pdbx_overall_SU_R_Blow_DPI               ? 
_refine.pdbx_overall_SU_R_free_Blow_DPI          ? 
# 
_refine_hist.pdbx_refine_id                   'X-RAY DIFFRACTION' 
_refine_hist.cycle_id                         LAST 
_refine_hist.pdbx_number_atoms_protein        0 
_refine_hist.pdbx_number_atoms_nucleic_acid   322 
_refine_hist.pdbx_number_atoms_ligand         0 
_refine_hist.number_atoms_solvent             0 
_refine_hist.number_atoms_total               322 
_refine_hist.d_res_high                       2.500 
_refine_hist.d_res_low                        10.000 
# 
loop_
_refine_ls_restr.type 
_refine_ls_restr.dev_ideal 
_refine_ls_restr.dev_ideal_target 
_refine_ls_restr.weight 
_refine_ls_restr.number 
_refine_ls_restr.pdbx_refine_id 
_refine_ls_restr.pdbx_restraint_function 
n_bond_d               0.012 ? ? ? 'X-RAY DIFFRACTION' ? 
n_angle_d              0.024 ? ? ? 'X-RAY DIFFRACTION' ? 
n_planar_d             ?     ? ? ? 'X-RAY DIFFRACTION' ? 
n_hb_or_metal_coord    ?     ? ? ? 'X-RAY DIFFRACTION' ? 
n_sugar_bond_it        ?     ? ? ? 'X-RAY DIFFRACTION' ? 
n_sugar_angle_it       ?     ? ? ? 'X-RAY DIFFRACTION' ? 
n_phos_bond_it         ?     ? ? ? 'X-RAY DIFFRACTION' ? 
n_phos_angle_it        ?     ? ? ? 'X-RAY DIFFRACTION' ? 
n_bond_angle_restr     ?     ? ? ? 'X-RAY DIFFRACTION' ? 
n_dihedral_angle_restr ?     ? ? ? 'X-RAY DIFFRACTION' ? 
n_impr_tor             ?     ? ? ? 'X-RAY DIFFRACTION' ? 
n_sugar_bond_d         ?     ? ? ? 'X-RAY DIFFRACTION' ? 
n_sugar_bond_angle_d   ?     ? ? ? 'X-RAY DIFFRACTION' ? 
n_phos_bond_d          ?     ? ? ? 'X-RAY DIFFRACTION' ? 
n_phos_bond_angle_d    ?     ? ? ? 'X-RAY DIFFRACTION' ? 
n_plane_restr          ?     ? ? ? 'X-RAY DIFFRACTION' ? 
n_chiral_restr         ?     ? ? ? 'X-RAY DIFFRACTION' ? 
n_singtor_nbd          ?     ? ? ? 'X-RAY DIFFRACTION' ? 
n_multtor_nbd          ?     ? ? ? 'X-RAY DIFFRACTION' ? 
n_xhyhbond_nbd         ?     ? ? ? 'X-RAY DIFFRACTION' ? 
# 
_struct.entry_id                  2ANA 
_struct.title                     'THE CRYSTAL STRUCTURE OF D(G-G-G-G-C-C-C-C). A MODEL FOR POLY(DG).POLY(DC)' 
_struct.pdbx_model_details        ? 
_struct.pdbx_CASP_flag            ? 
_struct.pdbx_model_type_details   ? 
# 
_struct_keywords.entry_id        2ANA 
_struct_keywords.pdbx_keywords   DNA 
_struct_keywords.text            'A-DNA, DOUBLE HELIX, DNA' 
# 
loop_
_struct_asym.id 
_struct_asym.pdbx_blank_PDB_chainid_flag 
_struct_asym.pdbx_modified 
_struct_asym.entity_id 
_struct_asym.details 
A N N 1 ? 
B N N 1 ? 
# 
_struct_ref.id                         1 
_struct_ref.entity_id                  1 
_struct_ref.db_name                    PDB 
_struct_ref.db_code                    2ANA 
_struct_ref.pdbx_db_accession          2ANA 
_struct_ref.pdbx_db_isoform            ? 
_struct_ref.pdbx_seq_one_letter_code   ? 
_struct_ref.pdbx_align_begin           ? 
# 
loop_
_struct_ref_seq.align_id 
_struct_ref_seq.ref_id 
_struct_ref_seq.pdbx_PDB_id_code 
_struct_ref_seq.pdbx_strand_id 
_struct_ref_seq.seq_align_beg 
_struct_ref_seq.pdbx_seq_align_beg_ins_code 
_struct_ref_seq.seq_align_end 
_struct_ref_seq.pdbx_seq_align_end_ins_code 
_struct_ref_seq.pdbx_db_accession 
_struct_ref_seq.db_align_beg 
_struct_ref_seq.pdbx_db_align_beg_ins_code 
_struct_ref_seq.db_align_end 
_struct_ref_seq.pdbx_db_align_end_ins_code 
_struct_ref_seq.pdbx_auth_seq_align_beg 
_struct_ref_seq.pdbx_auth_seq_align_end 
1 1 2ANA A 1 ? 8 ? 2ANA 1 ? 8  ? 1 8  
2 1 2ANA B 1 ? 8 ? 2ANA 9 ? 16 ? 9 16 
# 
_pdbx_struct_assembly.id                   1 
_pdbx_struct_assembly.details              author_defined_assembly 
_pdbx_struct_assembly.method_details       ? 
_pdbx_struct_assembly.oligomeric_details   dimeric 
_pdbx_struct_assembly.oligomeric_count     2 
# 
_pdbx_struct_assembly_gen.assembly_id       1 
_pdbx_struct_assembly_gen.oper_expression   1 
_pdbx_struct_assembly_gen.asym_id_list      A,B 
# 
_pdbx_struct_oper_list.id                   1 
_pdbx_struct_oper_list.type                 'identity operation' 
_pdbx_struct_oper_list.name                 1_555 
_pdbx_struct_oper_list.symmetry_operation   x,y,z 
_pdbx_struct_oper_list.matrix[1][1]         1.0000000000 
_pdbx_struct_oper_list.matrix[1][2]         0.0000000000 
_pdbx_struct_oper_list.matrix[1][3]         0.0000000000 
_pdbx_struct_oper_list.vector[1]            0.0000000000 
_pdbx_struct_oper_list.matrix[2][1]         0.0000000000 
_pdbx_struct_oper_list.matrix[2][2]         1.0000000000 
_pdbx_struct_oper_list.matrix[2][3]         0.0000000000 
_pdbx_struct_oper_list.vector[2]            0.0000000000 
_pdbx_struct_oper_list.matrix[3][1]         0.0000000000 
_pdbx_struct_oper_list.matrix[3][2]         0.0000000000 
_pdbx_struct_oper_list.matrix[3][3]         1.0000000000 
_pdbx_struct_oper_list.vector[3]            0.0000000000 
# 
_struct_biol.id   1 
# 
loop_
_struct_conn.id 
_struct_conn.conn_type_id 
_struct_conn.pdbx_leaving_atom_flag 
_struct_conn.pdbx_PDB_id 
_struct_conn.ptnr1_label_asym_id 
_struct_conn.ptnr1_label_comp_id 
_struct_conn.ptnr1_label_seq_id 
_struct_conn.ptnr1_label_atom_id 
_struct_conn.pdbx_ptnr1_label_alt_id 
_struct_conn.pdbx_ptnr1_PDB_ins_code 
_struct_conn.pdbx_ptnr1_standard_comp_id 
_struct_conn.ptnr1_symmetry 
_struct_conn.ptnr2_label_asym_id 
_struct_conn.ptnr2_label_comp_id 
_struct_conn.ptnr2_label_seq_id 
_struct_conn.ptnr2_label_atom_id 
_struct_conn.pdbx_ptnr2_label_alt_id 
_struct_conn.pdbx_ptnr2_PDB_ins_code 
_struct_conn.ptnr1_auth_asym_id 
_struct_conn.ptnr1_auth_comp_id 
_struct_conn.ptnr1_auth_seq_id 
_struct_conn.ptnr2_auth_asym_id 
_struct_conn.ptnr2_auth_comp_id 
_struct_conn.ptnr2_auth_seq_id 
_struct_conn.ptnr2_symmetry 
_struct_conn.pdbx_ptnr3_label_atom_id 
_struct_conn.pdbx_ptnr3_label_seq_id 
_struct_conn.pdbx_ptnr3_label_comp_id 
_struct_conn.pdbx_ptnr3_label_asym_id 
_struct_conn.pdbx_ptnr3_label_alt_id 
_struct_conn.pdbx_ptnr3_PDB_ins_code 
_struct_conn.details 
_struct_conn.pdbx_dist_value 
_struct_conn.pdbx_value_order 
_struct_conn.pdbx_role 
hydrog1  hydrog ? ? A DG 1 N1 ? ? ? 1_555 B DC 8 N3 ? ? A DG 1 B DC 16 1_555 ? ? ? ? ? ? WATSON-CRICK ? ? ? 
hydrog2  hydrog ? ? A DG 1 N2 ? ? ? 1_555 B DC 8 O2 ? ? A DG 1 B DC 16 1_555 ? ? ? ? ? ? WATSON-CRICK ? ? ? 
hydrog3  hydrog ? ? A DG 1 O6 ? ? ? 1_555 B DC 8 N4 ? ? A DG 1 B DC 16 1_555 ? ? ? ? ? ? WATSON-CRICK ? ? ? 
hydrog4  hydrog ? ? A DG 2 N1 ? ? ? 1_555 B DC 7 N3 ? ? A DG 2 B DC 15 1_555 ? ? ? ? ? ? WATSON-CRICK ? ? ? 
hydrog5  hydrog ? ? A DG 2 N2 ? ? ? 1_555 B DC 7 O2 ? ? A DG 2 B DC 15 1_555 ? ? ? ? ? ? WATSON-CRICK ? ? ? 
hydrog6  hydrog ? ? A DG 2 O6 ? ? ? 1_555 B DC 7 N4 ? ? A DG 2 B DC 15 1_555 ? ? ? ? ? ? WATSON-CRICK ? ? ? 
hydrog7  hydrog ? ? A DG 3 N1 ? ? ? 1_555 B DC 6 N3 ? ? A DG 3 B DC 14 1_555 ? ? ? ? ? ? WATSON-CRICK ? ? ? 
hydrog8  hydrog ? ? A DG 3 N2 ? ? ? 1_555 B DC 6 O2 ? ? A DG 3 B DC 14 1_555 ? ? ? ? ? ? WATSON-CRICK ? ? ? 
hydrog9  hydrog ? ? A DG 3 O6 ? ? ? 1_555 B DC 6 N4 ? ? A DG 3 B DC 14 1_555 ? ? ? ? ? ? WATSON-CRICK ? ? ? 
hydrog10 hydrog ? ? A DG 4 N1 ? ? ? 1_555 B DC 5 N3 ? ? A DG 4 B DC 13 1_555 ? ? ? ? ? ? WATSON-CRICK ? ? ? 
hydrog11 hydrog ? ? A DG 4 N2 ? ? ? 1_555 B DC 5 O2 ? ? A DG 4 B DC 13 1_555 ? ? ? ? ? ? WATSON-CRICK ? ? ? 
hydrog12 hydrog ? ? A DG 4 O6 ? ? ? 1_555 B DC 5 N4 ? ? A DG 4 B DC 13 1_555 ? ? ? ? ? ? WATSON-CRICK ? ? ? 
hydrog13 hydrog ? ? A DC 5 N3 ? ? ? 1_555 B DG 4 N1 ? ? A DC 5 B DG 12 1_555 ? ? ? ? ? ? WATSON-CRICK ? ? ? 
hydrog14 hydrog ? ? A DC 5 N4 ? ? ? 1_555 B DG 4 O6 ? ? A DC 5 B DG 12 1_555 ? ? ? ? ? ? WATSON-CRICK ? ? ? 
hydrog15 hydrog ? ? A DC 5 O2 ? ? ? 1_555 B DG 4 N2 ? ? A DC 5 B DG 12 1_555 ? ? ? ? ? ? WATSON-CRICK ? ? ? 
hydrog16 hydrog ? ? A DC 6 N3 ? ? ? 1_555 B DG 3 N1 ? ? A DC 6 B DG 11 1_555 ? ? ? ? ? ? WATSON-CRICK ? ? ? 
hydrog17 hydrog ? ? A DC 6 N4 ? ? ? 1_555 B DG 3 O6 ? ? A DC 6 B DG 11 1_555 ? ? ? ? ? ? WATSON-CRICK ? ? ? 
hydrog18 hydrog ? ? A DC 6 O2 ? ? ? 1_555 B DG 3 N2 ? ? A DC 6 B DG 11 1_555 ? ? ? ? ? ? WATSON-CRICK ? ? ? 
hydrog19 hydrog ? ? A DC 7 N3 ? ? ? 1_555 B DG 2 N1 ? ? A DC 7 B DG 10 1_555 ? ? ? ? ? ? WATSON-CRICK ? ? ? 
hydrog20 hydrog ? ? A DC 7 N4 ? ? ? 1_555 B DG 2 O6 ? ? A DC 7 B DG 10 1_555 ? ? ? ? ? ? WATSON-CRICK ? ? ? 
hydrog21 hydrog ? ? A DC 7 O2 ? ? ? 1_555 B DG 2 N2 ? ? A DC 7 B DG 10 1_555 ? ? ? ? ? ? WATSON-CRICK ? ? ? 
hydrog22 hydrog ? ? A DC 8 N3 ? ? ? 1_555 B DG 1 N1 ? ? A DC 8 B DG 9  1_555 ? ? ? ? ? ? WATSON-CRICK ? ? ? 
hydrog23 hydrog ? ? A DC 8 N4 ? ? ? 1_555 B DG 1 O6 ? ? A DC 8 B DG 9  1_555 ? ? ? ? ? ? WATSON-CRICK ? ? ? 
hydrog24 hydrog ? ? A DC 8 O2 ? ? ? 1_555 B DG 1 N2 ? ? A DC 8 B DG 9  1_555 ? ? ? ? ? ? WATSON-CRICK ? ? ? 
# 
_struct_conn_type.id          hydrog 
_struct_conn_type.criteria    ? 
_struct_conn_type.reference   ? 
# 
loop_
_pdbx_validate_rmsd_angle.id 
_pdbx_validate_rmsd_angle.PDB_model_num 
_pdbx_validate_rmsd_angle.auth_atom_id_1 
_pdbx_validate_rmsd_angle.auth_asym_id_1 
_pdbx_validate_rmsd_angle.auth_comp_id_1 
_pdbx_validate_rmsd_angle.auth_seq_id_1 
_pdbx_validate_rmsd_angle.PDB_ins_code_1 
_pdbx_validate_rmsd_angle.label_alt_id_1 
_pdbx_validate_rmsd_angle.auth_atom_id_2 
_pdbx_validate_rmsd_angle.auth_asym_id_2 
_pdbx_validate_rmsd_angle.auth_comp_id_2 
_pdbx_validate_rmsd_angle.auth_seq_id_2 
_pdbx_validate_rmsd_angle.PDB_ins_code_2 
_pdbx_validate_rmsd_angle.label_alt_id_2 
_pdbx_validate_rmsd_angle.auth_atom_id_3 
_pdbx_validate_rmsd_angle.auth_asym_id_3 
_pdbx_validate_rmsd_angle.auth_comp_id_3 
_pdbx_validate_rmsd_angle.auth_seq_id_3 
_pdbx_validate_rmsd_angle.PDB_ins_code_3 
_pdbx_validate_rmsd_angle.label_alt_id_3 
_pdbx_validate_rmsd_angle.angle_value 
_pdbx_validate_rmsd_angle.angle_target_value 
_pdbx_validate_rmsd_angle.angle_deviation 
_pdbx_validate_rmsd_angle.angle_standard_deviation 
_pdbx_validate_rmsd_angle.linker_flag 
1  1 "O4'" A DG 1  ? ? "C1'" A DG 1  ? ? N9    A DG 1  ? ? 111.89 108.30 3.59  0.30 N 
2  1 "O4'" A DG 2  ? ? "C1'" A DG 2  ? ? N9    A DG 2  ? ? 113.56 108.30 5.26  0.30 N 
3  1 "O4'" A DG 3  ? ? "C1'" A DG 3  ? ? N9    A DG 3  ? ? 113.02 108.30 4.72  0.30 N 
4  1 "C3'" A DG 4  ? ? "O3'" A DG 4  ? ? P     A DC 5  ? ? 127.95 119.70 8.25  1.20 Y 
5  1 "O4'" A DC 5  ? ? "C1'" A DC 5  ? ? N1    A DC 5  ? ? 116.14 108.30 7.84  0.30 N 
6  1 "O4'" A DC 6  ? ? "C1'" A DC 6  ? ? N1    A DC 6  ? ? 116.47 108.30 8.17  0.30 N 
7  1 "O4'" A DC 7  ? ? "C1'" A DC 7  ? ? N1    A DC 7  ? ? 117.61 108.30 9.31  0.30 N 
8  1 "O4'" A DC 8  ? ? "C1'" A DC 8  ? ? N1    A DC 8  ? ? 114.30 108.30 6.00  0.30 N 
9  1 "O4'" B DG 9  ? ? "C1'" B DG 9  ? ? N9    B DG 9  ? ? 112.99 108.30 4.69  0.30 N 
10 1 "O4'" B DG 10 ? ? "C1'" B DG 10 ? ? N9    B DG 10 ? ? 111.80 108.30 3.50  0.30 N 
11 1 "O4'" B DG 11 ? ? "C1'" B DG 11 ? ? N9    B DG 11 ? ? 110.87 108.30 2.57  0.30 N 
12 1 "O4'" B DG 12 ? ? "C1'" B DG 12 ? ? N9    B DG 12 ? ? 111.56 108.30 3.26  0.30 N 
13 1 "O4'" B DC 13 ? ? "C1'" B DC 13 ? ? N1    B DC 13 ? ? 117.20 108.30 8.90  0.30 N 
14 1 "O4'" B DC 14 ? ? "C1'" B DC 14 ? ? N1    B DC 14 ? ? 116.10 108.30 7.80  0.30 N 
15 1 "C4'" B DC 15 ? ? "C3'" B DC 15 ? ? "C2'" B DC 15 ? ? 97.53  102.20 -4.67 0.70 N 
16 1 "C3'" B DC 15 ? ? "C2'" B DC 15 ? ? "C1'" B DC 15 ? ? 97.21  102.40 -5.19 0.80 N 
17 1 "O4'" B DC 15 ? ? "C1'" B DC 15 ? ? N1    B DC 15 ? ? 116.81 108.30 8.51  0.30 N 
18 1 "C3'" B DC 15 ? ? "O3'" B DC 15 ? ? P     B DC 16 ? ? 127.73 119.70 8.03  1.20 Y 
19 1 "O4'" B DC 16 ? ? "C4'" B DC 16 ? ? "C3'" B DC 16 ? ? 109.69 106.00 3.69  0.60 N 
20 1 "C5'" B DC 16 ? ? "C4'" B DC 16 ? ? "O4'" B DC 16 ? ? 117.59 109.80 7.79  1.10 N 
21 1 "O4'" B DC 16 ? ? "C1'" B DC 16 ? ? N1    B DC 16 ? ? 114.00 108.30 5.70  0.30 N 
# 
loop_
_refine_B_iso.class 
_refine_B_iso.details 
_refine_B_iso.treatment 
_refine_B_iso.pdbx_refine_id 
'ALL ATOMS'  TR isotropic 'X-RAY DIFFRACTION' 
'ALL WATERS' TR isotropic 'X-RAY DIFFRACTION' 
# 
loop_
_refine_occupancy.class 
_refine_occupancy.treatment 
_refine_occupancy.pdbx_refine_id 
'ALL ATOMS'  fix 'X-RAY DIFFRACTION' 
'ALL WATERS' fix 'X-RAY DIFFRACTION' 
# 
loop_
_chem_comp_atom.comp_id 
_chem_comp_atom.atom_id 
_chem_comp_atom.type_symbol 
_chem_comp_atom.pdbx_aromatic_flag 
_chem_comp_atom.pdbx_stereo_config 
_chem_comp_atom.pdbx_ordinal 
DC OP3    O N N 1  
DC P      P N N 2  
DC OP1    O N N 3  
DC OP2    O N N 4  
DC "O5'"  O N N 5  
DC "C5'"  C N N 6  
DC "C4'"  C N R 7  
DC "O4'"  O N N 8  
DC "C3'"  C N S 9  
DC "O3'"  O N N 10 
DC "C2'"  C N N 11 
DC "C1'"  C N R 12 
DC N1     N N N 13 
DC C2     C N N 14 
DC O2     O N N 15 
DC N3     N N N 16 
DC C4     C N N 17 
DC N4     N N N 18 
DC C5     C N N 19 
DC C6     C N N 20 
DC HOP3   H N N 21 
DC HOP2   H N N 22 
DC "H5'"  H N N 23 
DC "H5''" H N N 24 
DC "H4'"  H N N 25 
DC "H3'"  H N N 26 
DC "HO3'" H N N 27 
DC "H2'"  H N N 28 
DC "H2''" H N N 29 
DC "H1'"  H N N 30 
DC H41    H N N 31 
DC H42    H N N 32 
DC H5     H N N 33 
DC H6     H N N 34 
DG OP3    O N N 35 
DG P      P N N 36 
DG OP1    O N N 37 
DG OP2    O N N 38 
DG "O5'"  O N N 39 
DG "C5'"  C N N 40 
DG "C4'"  C N R 41 
DG "O4'"  O N N 42 
DG "C3'"  C N S 43 
DG "O3'"  O N N 44 
DG "C2'"  C N N 45 
DG "C1'"  C N R 46 
DG N9     N Y N 47 
DG C8     C Y N 48 
DG N7     N Y N 49 
DG C5     C Y N 50 
DG C6     C N N 51 
DG O6     O N N 52 
DG N1     N N N 53 
DG C2     C N N 54 
DG N2     N N N 55 
DG N3     N N N 56 
DG C4     C Y N 57 
DG HOP3   H N N 58 
DG HOP2   H N N 59 
DG "H5'"  H N N 60 
DG "H5''" H N N 61 
DG "H4'"  H N N 62 
DG "H3'"  H N N 63 
DG "HO3'" H N N 64 
DG "H2'"  H N N 65 
DG "H2''" H N N 66 
DG "H1'"  H N N 67 
DG H8     H N N 68 
DG H1     H N N 69 
DG H21    H N N 70 
DG H22    H N N 71 
# 
loop_
_chem_comp_bond.comp_id 
_chem_comp_bond.atom_id_1 
_chem_comp_bond.atom_id_2 
_chem_comp_bond.value_order 
_chem_comp_bond.pdbx_aromatic_flag 
_chem_comp_bond.pdbx_stereo_config 
_chem_comp_bond.pdbx_ordinal 
DC OP3   P      sing N N 1  
DC OP3   HOP3   sing N N 2  
DC P     OP1    doub N N 3  
DC P     OP2    sing N N 4  
DC P     "O5'"  sing N N 5  
DC OP2   HOP2   sing N N 6  
DC "O5'" "C5'"  sing N N 7  
DC "C5'" "C4'"  sing N N 8  
DC "C5'" "H5'"  sing N N 9  
DC "C5'" "H5''" sing N N 10 
DC "C4'" "O4'"  sing N N 11 
DC "C4'" "C3'"  sing N N 12 
DC "C4'" "H4'"  sing N N 13 
DC "O4'" "C1'"  sing N N 14 
DC "C3'" "O3'"  sing N N 15 
DC "C3'" "C2'"  sing N N 16 
DC "C3'" "H3'"  sing N N 17 
DC "O3'" "HO3'" sing N N 18 
DC "C2'" "C1'"  sing N N 19 
DC "C2'" "H2'"  sing N N 20 
DC "C2'" "H2''" sing N N 21 
DC "C1'" N1     sing N N 22 
DC "C1'" "H1'"  sing N N 23 
DC N1    C2     sing N N 24 
DC N1    C6     sing N N 25 
DC C2    O2     doub N N 26 
DC C2    N3     sing N N 27 
DC N3    C4     doub N N 28 
DC C4    N4     sing N N 29 
DC C4    C5     sing N N 30 
DC N4    H41    sing N N 31 
DC N4    H42    sing N N 32 
DC C5    C6     doub N N 33 
DC C5    H5     sing N N 34 
DC C6    H6     sing N N 35 
DG OP3   P      sing N N 36 
DG OP3   HOP3   sing N N 37 
DG P     OP1    doub N N 38 
DG P     OP2    sing N N 39 
DG P     "O5'"  sing N N 40 
DG OP2   HOP2   sing N N 41 
DG "O5'" "C5'"  sing N N 42 
DG "C5'" "C4'"  sing N N 43 
DG "C5'" "H5'"  sing N N 44 
DG "C5'" "H5''" sing N N 45 
DG "C4'" "O4'"  sing N N 46 
DG "C4'" "C3'"  sing N N 47 
DG "C4'" "H4'"  sing N N 48 
DG "O4'" "C1'"  sing N N 49 
DG "C3'" "O3'"  sing N N 50 
DG "C3'" "C2'"  sing N N 51 
DG "C3'" "H3'"  sing N N 52 
DG "O3'" "HO3'" sing N N 53 
DG "C2'" "C1'"  sing N N 54 
DG "C2'" "H2'"  sing N N 55 
DG "C2'" "H2''" sing N N 56 
DG "C1'" N9     sing N N 57 
DG "C1'" "H1'"  sing N N 58 
DG N9    C8     sing Y N 59 
DG N9    C4     sing Y N 60 
DG C8    N7     doub Y N 61 
DG C8    H8     sing N N 62 
DG N7    C5     sing Y N 63 
DG C5    C6     sing N N 64 
DG C5    C4     doub Y N 65 
DG C6    O6     doub N N 66 
DG C6    N1     sing N N 67 
DG N1    C2     sing N N 68 
DG N1    H1     sing N N 69 
DG C2    N2     sing N N 70 
DG C2    N3     doub N N 71 
DG N2    H21    sing N N 72 
DG N2    H22    sing N N 73 
DG N3    C4     sing N N 74 
# 
_ndb_struct_conf_na.entry_id   2ANA 
_ndb_struct_conf_na.feature    'a-form double helix' 
# 
loop_
_ndb_struct_na_base_pair.model_number 
_ndb_struct_na_base_pair.i_label_asym_id 
_ndb_struct_na_base_pair.i_label_comp_id 
_ndb_struct_na_base_pair.i_label_seq_id 
_ndb_struct_na_base_pair.i_symmetry 
_ndb_struct_na_base_pair.j_label_asym_id 
_ndb_struct_na_base_pair.j_label_comp_id 
_ndb_struct_na_base_pair.j_label_seq_id 
_ndb_struct_na_base_pair.j_symmetry 
_ndb_struct_na_base_pair.shear 
_ndb_struct_na_base_pair.stretch 
_ndb_struct_na_base_pair.stagger 
_ndb_struct_na_base_pair.buckle 
_ndb_struct_na_base_pair.propeller 
_ndb_struct_na_base_pair.opening 
_ndb_struct_na_base_pair.pair_number 
_ndb_struct_na_base_pair.pair_name 
_ndb_struct_na_base_pair.i_auth_asym_id 
_ndb_struct_na_base_pair.i_auth_seq_id 
_ndb_struct_na_base_pair.i_PDB_ins_code 
_ndb_struct_na_base_pair.j_auth_asym_id 
_ndb_struct_na_base_pair.j_auth_seq_id 
_ndb_struct_na_base_pair.j_PDB_ins_code 
_ndb_struct_na_base_pair.hbond_type_28 
_ndb_struct_na_base_pair.hbond_type_12 
1 A DG 1 1_555 B DC 8 1_555 -0.381 -0.282 -0.372 -12.073 0.236   -3.367 1 A_DG1:DC16_B A 1 ? B 16 ? 19 1 
1 A DG 2 1_555 B DC 7 1_555 -0.548 -0.283 -0.195 -1.567  -5.682  0.817  2 A_DG2:DC15_B A 2 ? B 15 ? 19 1 
1 A DG 3 1_555 B DC 6 1_555 -0.806 -0.347 0.019  -7.518  -8.332  -0.426 3 A_DG3:DC14_B A 3 ? B 14 ? 19 1 
1 A DG 4 1_555 B DC 5 1_555 -0.019 -0.263 -0.078 -3.422  -4.927  -2.401 4 A_DG4:DC13_B A 4 ? B 13 ? 19 1 
1 A DC 5 1_555 B DG 4 1_555 0.140  -0.206 -0.198 5.206   -13.499 -3.718 5 A_DC5:DG12_B A 5 ? B 12 ? 19 1 
1 A DC 6 1_555 B DG 3 1_555 0.128  -0.250 -0.171 6.692   -13.374 -3.131 6 A_DC6:DG11_B A 6 ? B 11 ? 19 1 
1 A DC 7 1_555 B DG 2 1_555 0.347  -0.294 -0.314 7.932   -12.772 -0.334 7 A_DC7:DG10_B A 7 ? B 10 ? 19 1 
1 A DC 8 1_555 B DG 1 1_555 0.397  -0.220 -0.544 10.822  -7.749  -3.324 8 A_DC8:DG9_B  A 8 ? B 9  ? 19 1 
# 
loop_
_ndb_struct_na_base_pair_step.model_number 
_ndb_struct_na_base_pair_step.i_label_asym_id_1 
_ndb_struct_na_base_pair_step.i_label_comp_id_1 
_ndb_struct_na_base_pair_step.i_label_seq_id_1 
_ndb_struct_na_base_pair_step.i_symmetry_1 
_ndb_struct_na_base_pair_step.j_label_asym_id_1 
_ndb_struct_na_base_pair_step.j_label_comp_id_1 
_ndb_struct_na_base_pair_step.j_label_seq_id_1 
_ndb_struct_na_base_pair_step.j_symmetry_1 
_ndb_struct_na_base_pair_step.i_label_asym_id_2 
_ndb_struct_na_base_pair_step.i_label_comp_id_2 
_ndb_struct_na_base_pair_step.i_label_seq_id_2 
_ndb_struct_na_base_pair_step.i_symmetry_2 
_ndb_struct_na_base_pair_step.j_label_asym_id_2 
_ndb_struct_na_base_pair_step.j_label_comp_id_2 
_ndb_struct_na_base_pair_step.j_label_seq_id_2 
_ndb_struct_na_base_pair_step.j_symmetry_2 
_ndb_struct_na_base_pair_step.shift 
_ndb_struct_na_base_pair_step.slide 
_ndb_struct_na_base_pair_step.rise 
_ndb_struct_na_base_pair_step.tilt 
_ndb_struct_na_base_pair_step.roll 
_ndb_struct_na_base_pair_step.twist 
_ndb_struct_na_base_pair_step.x_displacement 
_ndb_struct_na_base_pair_step.y_displacement 
_ndb_struct_na_base_pair_step.helical_rise 
_ndb_struct_na_base_pair_step.inclination 
_ndb_struct_na_base_pair_step.tip 
_ndb_struct_na_base_pair_step.helical_twist 
_ndb_struct_na_base_pair_step.step_number 
_ndb_struct_na_base_pair_step.step_name 
_ndb_struct_na_base_pair_step.i_auth_asym_id_1 
_ndb_struct_na_base_pair_step.i_auth_seq_id_1 
_ndb_struct_na_base_pair_step.i_PDB_ins_code_1 
_ndb_struct_na_base_pair_step.j_auth_asym_id_1 
_ndb_struct_na_base_pair_step.j_auth_seq_id_1 
_ndb_struct_na_base_pair_step.j_PDB_ins_code_1 
_ndb_struct_na_base_pair_step.i_auth_asym_id_2 
_ndb_struct_na_base_pair_step.i_auth_seq_id_2 
_ndb_struct_na_base_pair_step.i_PDB_ins_code_2 
_ndb_struct_na_base_pair_step.j_auth_asym_id_2 
_ndb_struct_na_base_pair_step.j_auth_seq_id_2 
_ndb_struct_na_base_pair_step.j_PDB_ins_code_2 
1 A DG 1 1_555 B DC 8 1_555 A DG 2 1_555 B DC 7 1_555 0.631  -2.000 3.046 -0.787 7.466  30.454 -4.908 -1.295 2.481 13.949 1.470  
31.344 1 AA_DG1DG2:DC15DC16_BB A 1 ? B 16 ? A 2 ? B 15 ? 
1 A DG 2 1_555 B DC 7 1_555 A DG 3 1_555 B DC 6 1_555 -0.443 -1.886 3.536 -2.122 4.471  28.692 -4.773 0.398  3.235 8.938  4.242  
29.107 2 AA_DG2DG3:DC14DC15_BB A 2 ? B 15 ? A 3 ? B 14 ? 
1 A DG 3 1_555 B DC 6 1_555 A DG 4 1_555 B DC 5 1_555 0.049  -1.803 3.270 0.220  4.310  37.014 -3.376 -0.049 3.048 6.760  -0.345 
37.256 3 AA_DG3DG4:DC13DC14_BB A 3 ? B 14 ? A 4 ? B 13 ? 
1 A DG 4 1_555 B DC 5 1_555 A DC 5 1_555 B DG 4 1_555 -0.516 -0.906 3.188 0.143  10.164 31.131 -3.248 0.939  2.762 18.335 -0.258 
32.709 4 AA_DG4DC5:DG12DC13_BB A 4 ? B 13 ? A 5 ? B 12 ? 
1 A DC 5 1_555 B DG 4 1_555 A DC 6 1_555 B DG 3 1_555 0.022  -1.547 3.361 -1.288 10.773 28.428 -4.994 -0.287 2.611 20.994 2.510  
30.388 5 AA_DC5DC6:DG11DG12_BB A 5 ? B 12 ? A 6 ? B 11 ? 
1 A DC 6 1_555 B DG 3 1_555 A DC 7 1_555 B DG 2 1_555 0.201  -1.514 3.367 0.045  7.213  31.476 -3.979 -0.353 2.957 13.083 -0.081 
32.272 6 AA_DC6DC7:DG10DG11_BB A 6 ? B 11 ? A 7 ? B 10 ? 
1 A DC 7 1_555 B DG 2 1_555 A DC 8 1_555 B DG 1 1_555 -0.199 -1.511 3.404 -0.383 4.849  31.901 -3.588 0.289  3.148 8.759  0.691  
32.260 7 AA_DC7DC8:DG9DG10_BB  A 7 ? B 10 ? A 8 ? B 9  ? 
# 
_atom_sites.entry_id                    2ANA 
_atom_sites.fract_transf_matrix[1][1]   -0.00124144 
_atom_sites.fract_transf_matrix[1][2]   0.02179318 
_atom_sites.fract_transf_matrix[1][3]   -0.01314012 
_atom_sites.fract_transf_matrix[2][1]   -0.00255689 
_atom_sites.fract_transf_matrix[2][2]   -0.00053367 
_atom_sites.fract_transf_matrix[2][3]   -0.02534476 
_atom_sites.fract_transf_matrix[3][1]   -0.02354948 
_atom_sites.fract_transf_matrix[3][2]   0.00008984 
_atom_sites.fract_transf_matrix[3][3]   0.00237389 
_atom_sites.fract_transf_vector[1]      0.954151 
_atom_sites.fract_transf_vector[2]      0.432156 
_atom_sites.fract_transf_vector[3]      0.030278 
# 
loop_
_atom_type.symbol 
C 
N 
O 
P 
# 
loop_
_atom_site.group_PDB 
_atom_site.id 
_atom_site.type_symbol 
_atom_site.label_atom_id 
_atom_site.label_alt_id 
_atom_site.label_comp_id 
_atom_site.label_asym_id 
_atom_site.label_entity_id 
_atom_site.label_seq_id 
_atom_site.pdbx_PDB_ins_code 
_atom_site.Cartn_x 
_atom_site.Cartn_y 
_atom_site.Cartn_z 
_atom_site.occupancy 
_atom_site.B_iso_or_equiv 
_atom_site.pdbx_formal_charge 
_atom_site.auth_seq_id 
_atom_site.auth_comp_id 
_atom_site.auth_asym_id 
_atom_site.auth_atom_id 
_atom_site.pdbx_PDB_model_num 
ATOM 1   O "O5'" . DG A 1 1 ? 11.697  -7.716  -2.665  1.00 30.60 ? 1  DG A "O5'" 1 
ATOM 2   C "C5'" . DG A 1 1 ? 12.141  -7.290  -3.969  1.00 26.92 ? 1  DG A "C5'" 1 
ATOM 3   C "C4'" . DG A 1 1 ? 12.959  -6.039  -3.853  1.00 26.30 ? 1  DG A "C4'" 1 
ATOM 4   O "O4'" . DG A 1 1 ? 13.289  -5.612  -5.193  1.00 26.00 ? 1  DG A "O4'" 1 
ATOM 5   C "C3'" . DG A 1 1 ? 12.378  -4.831  -3.133  1.00 25.17 ? 1  DG A "C3'" 1 
ATOM 6   O "O3'" . DG A 1 1 ? 12.677  -4.779  -1.737  1.00 25.65 ? 1  DG A "O3'" 1 
ATOM 7   C "C2'" . DG A 1 1 ? 13.071  -3.686  -3.887  1.00 24.22 ? 1  DG A "C2'" 1 
ATOM 8   C "C1'" . DG A 1 1 ? 12.981  -4.214  -5.310  1.00 23.90 ? 1  DG A "C1'" 1 
ATOM 9   N N9    . DG A 1 1 ? 11.662  -3.992  -5.928  1.00 23.18 ? 1  DG A N9    1 
ATOM 10  C C8    . DG A 1 1 ? 10.674  -4.878  -6.271  1.00 24.17 ? 1  DG A C8    1 
ATOM 11  N N7    . DG A 1 1 ? 9.639   -4.331  -6.825  1.00 24.29 ? 1  DG A N7    1 
ATOM 12  C C5    . DG A 1 1 ? 9.943   -2.983  -6.849  1.00 22.88 ? 1  DG A C5    1 
ATOM 13  C C6    . DG A 1 1 ? 9.193   -1.891  -7.340  1.00 24.04 ? 1  DG A C6    1 
ATOM 14  O O6    . DG A 1 1 ? 8.071   -1.918  -7.858  1.00 24.12 ? 1  DG A O6    1 
ATOM 15  N N1    . DG A 1 1 ? 9.867   -0.687  -7.181  1.00 24.50 ? 1  DG A N1    1 
ATOM 16  C C2    . DG A 1 1 ? 11.110  -0.548  -6.611  1.00 24.35 ? 1  DG A C2    1 
ATOM 17  N N2    . DG A 1 1 ? 11.614  0.692   -6.542  1.00 24.05 ? 1  DG A N2    1 
ATOM 18  N N3    . DG A 1 1 ? 11.825  -1.562  -6.145  1.00 24.51 ? 1  DG A N3    1 
ATOM 19  C C4    . DG A 1 1 ? 11.179  -2.749  -6.303  1.00 23.63 ? 1  DG A C4    1 
ATOM 20  P P     . DG A 1 2 ? 11.741  -4.100  -0.642  1.00 24.50 ? 2  DG A P     1 
ATOM 21  O OP1   . DG A 1 2 ? 12.346  -4.280  0.698   1.00 26.13 ? 2  DG A OP1   1 
ATOM 22  O OP2   . DG A 1 2 ? 10.368  -4.647  -0.796  1.00 25.56 ? 2  DG A OP2   1 
ATOM 23  O "O5'" . DG A 1 2 ? 11.724  -2.562  -1.036  1.00 22.19 ? 2  DG A "O5'" 1 
ATOM 24  C "C5'" . DG A 1 2 ? 12.643  -1.567  -0.594  1.00 18.56 ? 2  DG A "C5'" 1 
ATOM 25  C "C4'" . DG A 1 2 ? 12.278  -0.229  -1.192  1.00 16.63 ? 2  DG A "C4'" 1 
ATOM 26  O "O4'" . DG A 1 2 ? 11.996  -0.380  -2.589  1.00 16.13 ? 2  DG A "O4'" 1 
ATOM 27  C "C3'" . DG A 1 2 ? 11.023  0.445   -0.642  1.00 16.66 ? 2  DG A "C3'" 1 
ATOM 28  O "O3'" . DG A 1 2 ? 11.264  1.140   0.582   1.00 17.62 ? 2  DG A "O3'" 1 
ATOM 29  C "C2'" . DG A 1 2 ? 10.728  1.434   -1.758  1.00 15.83 ? 2  DG A "C2'" 1 
ATOM 30  C "C1'" . DG A 1 2 ? 10.994  0.563   -2.961  1.00 14.99 ? 2  DG A "C1'" 1 
ATOM 31  N N9    . DG A 1 2 ? 9.785   -0.054  -3.513  1.00 13.98 ? 2  DG A N9    1 
ATOM 32  C C8    . DG A 1 2 ? 9.372   -1.362  -3.526  1.00 14.17 ? 2  DG A C8    1 
ATOM 33  N N7    . DG A 1 2 ? 8.249   -1.539  -4.163  1.00 15.11 ? 2  DG A N7    1 
ATOM 34  C C5    . DG A 1 2 ? 7.886   -0.280  -4.607  1.00 14.04 ? 2  DG A C5    1 
ATOM 35  C C6    . DG A 1 2 ? 6.761   0.141   -5.346  1.00 14.62 ? 2  DG A C6    1 
ATOM 36  O O6    . DG A 1 2 ? 5.814   -0.531  -5.778  1.00 14.44 ? 2  DG A O6    1 
ATOM 37  N N1    . DG A 1 2 ? 6.767   1.524   -5.550  1.00 14.60 ? 2  DG A N1    1 
ATOM 38  C C2    . DG A 1 2 ? 7.751   2.372   -5.118  1.00 14.06 ? 2  DG A C2    1 
ATOM 39  N N2    . DG A 1 2 ? 7.624   3.669   -5.421  1.00 14.84 ? 2  DG A N2    1 
ATOM 40  N N3    . DG A 1 2 ? 8.816   1.985   -4.444  1.00 14.70 ? 2  DG A N3    1 
ATOM 41  C C4    . DG A 1 2 ? 8.817   0.649   -4.211  1.00 14.96 ? 2  DG A C4    1 
ATOM 42  P P     . DG A 1 3 ? 10.092  1.400   1.618   1.00 19.84 ? 3  DG A P     1 
ATOM 43  O OP1   . DG A 1 3 ? 10.696  1.758   2.922   1.00 20.54 ? 3  DG A OP1   1 
ATOM 44  O OP2   . DG A 1 3 ? 9.164   0.242   1.641   1.00 19.12 ? 3  DG A OP2   1 
ATOM 45  O "O5'" . DG A 1 3 ? 9.339   2.655   0.977   1.00 16.97 ? 3  DG A "O5'" 1 
ATOM 46  C "C5'" . DG A 1 3 ? 9.921   3.963   0.962   1.00 15.20 ? 3  DG A "C5'" 1 
ATOM 47  C "C4'" . DG A 1 3 ? 8.966   4.895   0.261   1.00 13.74 ? 3  DG A "C4'" 1 
ATOM 48  O "O4'" . DG A 1 3 ? 8.781   4.403   -1.087  1.00 13.48 ? 3  DG A "O4'" 1 
ATOM 49  C "C3'" . DG A 1 3 ? 7.547   4.993   0.801   1.00 12.67 ? 3  DG A "C3'" 1 
ATOM 50  O "O3'" . DG A 1 3 ? 7.469   5.809   1.978   1.00 15.09 ? 3  DG A "O3'" 1 
ATOM 51  C "C2'" . DG A 1 3 ? 6.875   5.620   -0.412  1.00 12.53 ? 3  DG A "C2'" 1 
ATOM 52  C "C1'" . DG A 1 3 ? 7.470   4.756   -1.518  1.00 10.80 ? 3  DG A "C1'" 1 
ATOM 53  N N9    . DG A 1 3 ? 6.638   3.585   -1.852  1.00 8.84  ? 3  DG A N9    1 
ATOM 54  C C8    . DG A 1 3 ? 6.833   2.256   -1.587  1.00 8.51  ? 3  DG A C8    1 
ATOM 55  N N7    . DG A 1 3 ? 5.875   1.491   -2.011  1.00 8.75  ? 3  DG A N7    1 
ATOM 56  C C5    . DG A 1 3 ? 4.973   2.362   -2.605  1.00 7.45  ? 3  DG A C5    1 
ATOM 57  C C6    . DG A 1 3 ? 3.733   2.106   -3.224  1.00 8.32  ? 3  DG A C6    1 
ATOM 58  O O6    . DG A 1 3 ? 3.161   1.022   -3.416  1.00 8.53  ? 3  DG A O6    1 
ATOM 59  N N1    . DG A 1 3 ? 3.135   3.278   -3.681  1.00 8.87  ? 3  DG A N1    1 
ATOM 60  C C2    . DG A 1 3 ? 3.661   4.539   -3.529  1.00 8.75  ? 3  DG A C2    1 
ATOM 61  N N2    . DG A 1 3 ? 2.945   5.563   -4.015  1.00 9.00  ? 3  DG A N2    1 
ATOM 62  N N3    . DG A 1 3 ? 4.805   4.790   -2.924  1.00 8.76  ? 3  DG A N3    1 
ATOM 63  C C4    . DG A 1 3 ? 5.418   3.653   -2.499  1.00 8.27  ? 3  DG A C4    1 
ATOM 64  P P     . DG A 1 4 ? 6.183   5.757   2.950   1.00 11.60 ? 4  DG A P     1 
ATOM 65  O OP1   . DG A 1 4 ? 6.379   6.755   4.022   1.00 13.36 ? 4  DG A OP1   1 
ATOM 66  O OP2   . DG A 1 4 ? 5.949   4.365   3.386   1.00 9.05  ? 4  DG A OP2   1 
ATOM 67  O "O5'" . DG A 1 4 ? 5.046   6.214   1.935   1.00 10.23 ? 4  DG A "O5'" 1 
ATOM 68  C "C5'" . DG A 1 4 ? 4.838   7.619   1.666   1.00 9.02  ? 4  DG A "C5'" 1 
ATOM 69  C "C4'" . DG A 1 4 ? 3.506   7.788   1.000   1.00 5.39  ? 4  DG A "C4'" 1 
ATOM 70  O "O4'" . DG A 1 4 ? 3.462   7.039   -0.208  1.00 6.73  ? 4  DG A "O4'" 1 
ATOM 71  C "C3'" . DG A 1 4 ? 2.287   7.273   1.785   1.00 5.02  ? 4  DG A "C3'" 1 
ATOM 72  O "O3'" . DG A 1 4 ? 1.991   8.291   2.724   1.00 6.27  ? 4  DG A "O3'" 1 
ATOM 73  C "C2'" . DG A 1 4 ? 1.268   7.188   0.650   1.00 7.06  ? 4  DG A "C2'" 1 
ATOM 74  C "C1'" . DG A 1 4 ? 2.113   6.603   -0.469  1.00 2.35  ? 4  DG A "C1'" 1 
ATOM 75  N N9    . DG A 1 4 ? 2.071   5.128   -0.453  1.00 2.00  ? 4  DG A N9    1 
ATOM 76  C C8    . DG A 1 4 ? 2.938   4.213   0.095   1.00 2.15  ? 4  DG A C8    1 
ATOM 77  N N7    . DG A 1 4 ? 2.645   2.980   -0.150  1.00 2.00  ? 4  DG A N7    1 
ATOM 78  C C5    . DG A 1 4 ? 1.450   3.067   -0.852  1.00 2.00  ? 4  DG A C5    1 
ATOM 79  C C6    . DG A 1 4 ? 0.613   2.036   -1.318  1.00 2.00  ? 4  DG A C6    1 
ATOM 80  O O6    . DG A 1 4 ? 0.794   0.819   -1.200  1.00 3.08  ? 4  DG A O6    1 
ATOM 81  N N1    . DG A 1 4 ? -0.490  2.552   -1.995  1.00 2.00  ? 4  DG A N1    1 
ATOM 82  C C2    . DG A 1 4 ? -0.769  3.875   -2.164  1.00 2.00  ? 4  DG A C2    1 
ATOM 83  N N2    . DG A 1 4 ? -1.903  4.162   -2.806  1.00 2.00  ? 4  DG A N2    1 
ATOM 84  N N3    . DG A 1 4 ? 0.012   4.843   -1.743  1.00 2.00  ? 4  DG A N3    1 
ATOM 85  C C4    . DG A 1 4 ? 1.088   4.370   -1.068  1.00 2.00  ? 4  DG A C4    1 
ATOM 86  P P     . DC A 1 5 ? 1.183   8.163   4.063   1.00 7.05  ? 5  DC A P     1 
ATOM 87  O OP1   . DC A 1 5 ? 1.247   9.487   4.771   1.00 6.90  ? 5  DC A OP1   1 
ATOM 88  O OP2   . DC A 1 5 ? 1.681   6.996   4.791   1.00 6.04  ? 5  DC A OP2   1 
ATOM 89  O "O5'" . DC A 1 5 ? -0.308  7.986   3.522   1.00 8.51  ? 5  DC A "O5'" 1 
ATOM 90  C "C5'" . DC A 1 5 ? -1.084  9.096   3.025   1.00 6.45  ? 5  DC A "C5'" 1 
ATOM 91  C "C4'" . DC A 1 5 ? -2.373  8.619   2.432   1.00 6.58  ? 5  DC A "C4'" 1 
ATOM 92  O "O4'" . DC A 1 5 ? -2.174  7.897   1.223   1.00 8.86  ? 5  DC A "O4'" 1 
ATOM 93  C "C3'" . DC A 1 5 ? -3.222  7.698   3.306   1.00 6.84  ? 5  DC A "C3'" 1 
ATOM 94  O "O3'" . DC A 1 5 ? -3.950  8.501   4.234   1.00 8.09  ? 5  DC A "O3'" 1 
ATOM 95  C "C2'" . DC A 1 5 ? -4.061  6.997   2.261   1.00 7.29  ? 5  DC A "C2'" 1 
ATOM 96  C "C1'" . DC A 1 5 ? -3.019  6.731   1.194   1.00 6.25  ? 5  DC A "C1'" 1 
ATOM 97  N N1    . DC A 1 5 ? -2.345  5.445   1.351   1.00 6.71  ? 5  DC A N1    1 
ATOM 98  C C2    . DC A 1 5 ? -2.951  4.310   0.781   1.00 5.30  ? 5  DC A C2    1 
ATOM 99  O O2    . DC A 1 5 ? -4.029  4.451   0.188   1.00 6.65  ? 5  DC A O2    1 
ATOM 100 N N3    . DC A 1 5 ? -2.360  3.106   0.921   1.00 5.04  ? 5  DC A N3    1 
ATOM 101 C C4    . DC A 1 5 ? -1.202  3.005   1.579   1.00 6.46  ? 5  DC A C4    1 
ATOM 102 N N4    . DC A 1 5 ? -0.605  1.807   1.698   1.00 5.80  ? 5  DC A N4    1 
ATOM 103 C C5    . DC A 1 5 ? -0.581  4.137   2.171   1.00 4.27  ? 5  DC A C5    1 
ATOM 104 C C6    . DC A 1 5 ? -1.169  5.308   2.032   1.00 5.72  ? 5  DC A C6    1 
ATOM 105 P P     . DC A 1 6 ? -4.503  7.890   5.585   1.00 12.18 ? 6  DC A P     1 
ATOM 106 O OP1   . DC A 1 6 ? -5.162  8.992   6.342   1.00 14.53 ? 6  DC A OP1   1 
ATOM 107 O OP2   . DC A 1 6 ? -3.509  7.111   6.338   1.00 11.20 ? 6  DC A OP2   1 
ATOM 108 O "O5'" . DC A 1 6 ? -5.575  6.861   5.024   1.00 12.04 ? 6  DC A "O5'" 1 
ATOM 109 C "C5'" . DC A 1 6 ? -6.834  7.312   4.484   1.00 10.65 ? 6  DC A "C5'" 1 
ATOM 110 C "C4'" . DC A 1 6 ? -7.578  6.050   4.096   1.00 11.64 ? 6  DC A "C4'" 1 
ATOM 111 O "O4'" . DC A 1 6 ? -6.798  5.316   3.141   1.00 9.59  ? 6  DC A "O4'" 1 
ATOM 112 C "C3'" . DC A 1 6 ? -7.858  5.057   5.229   1.00 10.68 ? 6  DC A "C3'" 1 
ATOM 113 O "O3'" . DC A 1 6 ? -8.976  5.503   6.007   1.00 11.95 ? 6  DC A "O3'" 1 
ATOM 114 C "C2'" . DC A 1 6 ? -8.028  3.780   4.437   1.00 10.94 ? 6  DC A "C2'" 1 
ATOM 115 C "C1'" . DC A 1 6 ? -6.950  3.916   3.374   1.00 9.67  ? 6  DC A "C1'" 1 
ATOM 116 N N1    . DC A 1 6 ? -5.725  3.157   3.591   1.00 8.62  ? 6  DC A N1    1 
ATOM 117 C C2    . DC A 1 6 ? -5.726  1.797   3.252   1.00 8.52  ? 6  DC A C2    1 
ATOM 118 O O2    . DC A 1 6 ? -6.769  1.295   2.824   1.00 10.20 ? 6  DC A O2    1 
ATOM 119 N N3    . DC A 1 6 ? -4.606  1.058   3.443   1.00 9.35  ? 6  DC A N3    1 
ATOM 120 C C4    . DC A 1 6 ? -3.518  1.620   3.968   1.00 9.29  ? 6  DC A C4    1 
ATOM 121 N N4    . DC A 1 6 ? -2.426  0.856   4.135   1.00 9.51  ? 6  DC A N4    1 
ATOM 122 C C5    . DC A 1 6 ? -3.495  2.995   4.320   1.00 6.56  ? 6  DC A C5    1 
ATOM 123 C C6    . DC A 1 6 ? -4.600  3.695   4.156   1.00 8.36  ? 6  DC A C6    1 
ATOM 124 P P     . DC A 1 7 ? -9.313  4.822   7.406   1.00 12.67 ? 7  DC A P     1 
ATOM 125 O OP1   . DC A 1 7 ? -10.508 5.450   7.998   1.00 15.35 ? 7  DC A OP1   1 
ATOM 126 O OP2   . DC A 1 7 ? -8.098  4.810   8.254   1.00 11.59 ? 7  DC A OP2   1 
ATOM 127 O "O5'" . DC A 1 7 ? -9.643  3.324   7.009   1.00 12.62 ? 7  DC A "O5'" 1 
ATOM 128 C "C5'" . DC A 1 7 ? -10.846 2.766   6.507   1.00 10.12 ? 7  DC A "C5'" 1 
ATOM 129 C "C4'" . DC A 1 7 ? -10.637 1.271   6.367   1.00 8.89  ? 7  DC A "C4'" 1 
ATOM 130 O "O4'" . DC A 1 7 ? -9.457  0.988   5.611   1.00 8.02  ? 7  DC A "O4'" 1 
ATOM 131 C "C3'" . DC A 1 7 ? -10.361 0.549   7.700   1.00 9.46  ? 7  DC A "C3'" 1 
ATOM 132 O "O3'" . DC A 1 7 ? -11.617 0.328   8.344   1.00 11.86 ? 7  DC A "O3'" 1 
ATOM 133 C "C2'" . DC A 1 7 ? -9.757  -0.747  7.169   1.00 9.46  ? 7  DC A "C2'" 1 
ATOM 134 C "C1'" . DC A 1 7 ? -8.847  -0.211  6.100   1.00 7.17  ? 7  DC A "C1'" 1 
ATOM 135 N N1    . DC A 1 7 ? -7.422  -0.176  6.381   1.00 6.09  ? 7  DC A N1    1 
ATOM 136 C C2    . DC A 1 7 ? -6.679  -1.348  6.177   1.00 5.31  ? 7  DC A C2    1 
ATOM 137 O O2    . DC A 1 7 ? -7.272  -2.357  5.808   1.00 4.46  ? 7  DC A O2    1 
ATOM 138 N N3    . DC A 1 7 ? -5.335  -1.328  6.372   1.00 6.78  ? 7  DC A N3    1 
ATOM 139 C C4    . DC A 1 7 ? -4.733  -0.215  6.777   1.00 5.64  ? 7  DC A C4    1 
ATOM 140 N N4    . DC A 1 7 ? -3.413  -0.256  6.981   1.00 6.92  ? 7  DC A N4    1 
ATOM 141 C C5    . DC A 1 7 ? -5.458  0.992   6.959   1.00 4.23  ? 7  DC A C5    1 
ATOM 142 C C6    . DC A 1 7 ? -6.768  0.969   6.765   1.00 5.92  ? 7  DC A C6    1 
ATOM 143 P P     . DC A 1 8 ? -11.762 -0.013  9.877   1.00 11.64 ? 8  DC A P     1 
ATOM 144 O OP1   . DC A 1 8 ? -13.224 -0.138  10.126  1.00 14.76 ? 8  DC A OP1   1 
ATOM 145 O OP2   . DC A 1 8 ? -11.048 0.973   10.692  1.00 12.96 ? 8  DC A OP2   1 
ATOM 146 O "O5'" . DC A 1 8 ? -11.113 -1.462  10.008  1.00 13.73 ? 8  DC A "O5'" 1 
ATOM 147 C "C5'" . DC A 1 8 ? -11.712 -2.599  9.366   1.00 11.87 ? 8  DC A "C5'" 1 
ATOM 148 C "C4'" . DC A 1 8 ? -10.929 -3.833  9.649   1.00 13.23 ? 8  DC A "C4'" 1 
ATOM 149 O "O4'" . DC A 1 8 ? -9.763  -3.875  8.830   1.00 13.16 ? 8  DC A "O4'" 1 
ATOM 150 C "C3'" . DC A 1 8 ? -10.512 -4.192  11.054  1.00 13.96 ? 8  DC A "C3'" 1 
ATOM 151 O "O3'" . DC A 1 8 ? -11.511 -5.002  11.717  1.00 15.00 ? 8  DC A "O3'" 1 
ATOM 152 C "C2'" . DC A 1 8 ? -9.209  -4.953  10.871  1.00 14.22 ? 8  DC A "C2'" 1 
ATOM 153 C "C1'" . DC A 1 8 ? -8.693  -4.489  9.532   1.00 14.47 ? 8  DC A "C1'" 1 
ATOM 154 N N1    . DC A 1 8 ? -7.474  -3.686  9.589   1.00 14.20 ? 8  DC A N1    1 
ATOM 155 C C2    . DC A 1 8 ? -6.247  -4.348  9.479   1.00 14.25 ? 8  DC A C2    1 
ATOM 156 O O2    . DC A 1 8 ? -6.262  -5.580  9.341   1.00 15.33 ? 8  DC A O2    1 
ATOM 157 N N3    . DC A 1 8 ? -5.100  -3.641  9.586   1.00 13.52 ? 8  DC A N3    1 
ATOM 158 C C4    . DC A 1 8 ? -5.147  -2.327  9.783   1.00 14.96 ? 8  DC A C4    1 
ATOM 159 N N4    . DC A 1 8 ? -4.003  -1.645  9.862   1.00 16.28 ? 8  DC A N4    1 
ATOM 160 C C5    . DC A 1 8 ? -6.387  -1.624  9.885   1.00 14.88 ? 8  DC A C5    1 
ATOM 161 C C6    . DC A 1 8 ? -7.505  -2.338  9.820   1.00 14.89 ? 8  DC A C6    1 
ATOM 162 O "O5'" . DG B 1 1 ? 4.415   -6.935  10.194  1.00 16.83 ? 9  DG B "O5'" 1 
ATOM 163 C "C5'" . DG B 1 1 ? 4.548   -8.285  9.716   1.00 12.74 ? 9  DG B "C5'" 1 
ATOM 164 C "C4'" . DG B 1 1 ? 3.272   -9.055  9.860   1.00 11.04 ? 9  DG B "C4'" 1 
ATOM 165 O "O4'" . DG B 1 1 ? 2.534   -8.671  11.024  1.00 10.13 ? 9  DG B "O4'" 1 
ATOM 166 C "C3'" . DG B 1 1 ? 2.296   -8.873  8.709   1.00 11.04 ? 9  DG B "C3'" 1 
ATOM 167 O "O3'" . DG B 1 1 ? 2.605   -9.714  7.598   1.00 11.75 ? 9  DG B "O3'" 1 
ATOM 168 C "C2'" . DG B 1 1 ? 0.985   -9.254  9.374   1.00 10.50 ? 9  DG B "C2'" 1 
ATOM 169 C "C1'" . DG B 1 1 ? 1.145   -8.495  10.680  1.00 8.52  ? 9  DG B "C1'" 1 
ATOM 170 N N9    . DG B 1 1 ? 0.757   -7.084  10.566  1.00 8.17  ? 9  DG B N9    1 
ATOM 171 C C8    . DG B 1 1 ? 1.531   -5.951  10.622  1.00 8.18  ? 9  DG B C8    1 
ATOM 172 N N7    . DG B 1 1 ? 0.857   -4.846  10.509  1.00 9.05  ? 9  DG B N7    1 
ATOM 173 C C5    . DG B 1 1 ? -0.454  -5.259  10.359  1.00 8.07  ? 9  DG B C5    1 
ATOM 174 C C6    . DG B 1 1 ? -1.625  -4.491  10.176  1.00 9.53  ? 9  DG B C6    1 
ATOM 175 O O6    . DG B 1 1 ? -1.756  -3.254  10.139  1.00 10.84 ? 9  DG B O6    1 
ATOM 176 N N1    . DG B 1 1 ? -2.752  -5.305  10.066  1.00 9.95  ? 9  DG B N1    1 
ATOM 177 C C2    . DG B 1 1 ? -2.746  -6.670  10.130  1.00 9.27  ? 9  DG B C2    1 
ATOM 178 N N2    . DG B 1 1 ? -3.946  -7.257  9.964   1.00 9.46  ? 9  DG B N2    1 
ATOM 179 N N3    . DG B 1 1 ? -1.657  -7.401  10.300  1.00 8.51  ? 9  DG B N3    1 
ATOM 180 C C4    . DG B 1 1 ? -0.545  -6.625  10.399  1.00 9.25  ? 9  DG B C4    1 
ATOM 181 P P     . DG B 1 2 ? 2.404   -9.105  6.138   1.00 11.71 ? 10 DG B P     1 
ATOM 182 O OP1   . DG B 1 2 ? 3.046   -10.022 5.158   1.00 12.77 ? 10 DG B OP1   1 
ATOM 183 O OP2   . DG B 1 2 ? 2.861   -7.711  6.063   1.00 9.11  ? 10 DG B OP2   1 
ATOM 184 O "O5'" . DG B 1 2 ? 0.823   -9.226  5.997   1.00 11.38 ? 10 DG B "O5'" 1 
ATOM 185 C "C5'" . DG B 1 2 ? 0.207   -10.512 5.754   1.00 10.70 ? 10 DG B "C5'" 1 
ATOM 186 C "C4'" . DG B 1 2 ? -1.300  -10.378 5.793   1.00 9.52  ? 10 DG B "C4'" 1 
ATOM 187 O "O4'" . DG B 1 2 ? -1.687  -9.606  6.940   1.00 8.70  ? 10 DG B "O4'" 1 
ATOM 188 C "C3'" . DG B 1 2 ? -1.909  -9.643  4.604   1.00 8.77  ? 10 DG B "C3'" 1 
ATOM 189 O "O3'" . DG B 1 2 ? -2.112  -10.529 3.510   1.00 9.98  ? 10 DG B "O3'" 1 
ATOM 190 C "C2'" . DG B 1 2 ? -3.213  -9.146  5.214   1.00 9.89  ? 10 DG B "C2'" 1 
ATOM 191 C "C1'" . DG B 1 2 ? -2.709  -8.690  6.578   1.00 6.33  ? 10 DG B "C1'" 1 
ATOM 192 N N9    . DG B 1 2 ? -2.225  -7.313  6.571   1.00 5.82  ? 10 DG B N9    1 
ATOM 193 C C8    . DG B 1 2 ? -0.953  -6.790  6.649   1.00 6.67  ? 10 DG B C8    1 
ATOM 194 N N7    . DG B 1 2 ? -0.904  -5.495  6.676   1.00 6.01  ? 10 DG B N7    1 
ATOM 195 C C5    . DG B 1 2 ? -2.232  -5.110  6.589   1.00 5.65  ? 10 DG B C5    1 
ATOM 196 C C6    . DG B 1 2 ? -2.806  -3.817  6.564   1.00 6.95  ? 10 DG B C6    1 
ATOM 197 O O6    . DG B 1 2 ? -2.229  -2.723  6.605   1.00 7.77  ? 10 DG B O6    1 
ATOM 198 N N1    . DG B 1 2 ? -4.191  -3.881  6.476   1.00 5.69  ? 10 DG B N1    1 
ATOM 199 C C2    . DG B 1 2 ? -4.933  -5.026  6.449   1.00 5.99  ? 10 DG B C2    1 
ATOM 200 N N2    . DG B 1 2 ? -6.263  -4.897  6.348   1.00 8.13  ? 10 DG B N2    1 
ATOM 201 N N3    . DG B 1 2 ? -4.413  -6.235  6.466   1.00 6.39  ? 10 DG B N3    1 
ATOM 202 C C4    . DG B 1 2 ? -3.060  -6.204  6.542   1.00 7.06  ? 10 DG B C4    1 
ATOM 203 P P     . DG B 1 3 ? -1.832  -10.029 2.016   1.00 11.37 ? 11 DG B P     1 
ATOM 204 O OP1   . DG B 1 3 ? -1.888  -11.219 1.128   1.00 14.55 ? 11 DG B OP1   1 
ATOM 205 O OP2   . DG B 1 3 ? -0.601  -9.230  1.930   1.00 10.28 ? 11 DG B OP2   1 
ATOM 206 O "O5'" . DG B 1 3 ? -3.128  -9.137  1.761   1.00 9.71  ? 11 DG B "O5'" 1 
ATOM 207 C "C5'" . DG B 1 3 ? -4.418  -9.822  1.712   1.00 8.66  ? 11 DG B "C5'" 1 
ATOM 208 C "C4'" . DG B 1 3 ? -5.502  -8.784  1.626   1.00 6.52  ? 11 DG B "C4'" 1 
ATOM 209 O "O4'" . DG B 1 3 ? -5.392  -7.959  2.801   1.00 7.47  ? 11 DG B "O4'" 1 
ATOM 210 C "C3'" . DG B 1 3 ? -5.353  -7.764  0.489   1.00 6.64  ? 11 DG B "C3'" 1 
ATOM 211 O "O3'" . DG B 1 3 ? -5.735  -8.340  -0.751  1.00 8.37  ? 11 DG B "O3'" 1 
ATOM 212 C "C2'" . DG B 1 3 ? -6.242  -6.661  1.025   1.00 5.95  ? 11 DG B "C2'" 1 
ATOM 213 C "C1'" . DG B 1 3 ? -5.811  -6.629  2.476   1.00 3.46  ? 11 DG B "C1'" 1 
ATOM 214 N N9    . DG B 1 3 ? -4.723  -5.668  2.701   1.00 2.42  ? 11 DG B N9    1 
ATOM 215 C C8    . DG B 1 3 ? -3.366  -5.865  2.809   1.00 2.00  ? 11 DG B C8    1 
ATOM 216 N N7    . DG B 1 3 ? -2.702  -4.786  2.999   1.00 2.72  ? 11 DG B N7    1 
ATOM 217 C C5    . DG B 1 3 ? -3.660  -3.778  3.020   1.00 2.00  ? 11 DG B C5    1 
ATOM 218 C C6    . DG B 1 3 ? -3.512  -2.384  3.172   1.00 3.74  ? 11 DG B C6    1 
ATOM 219 O O6    . DG B 1 3 ? -2.452  -1.759  3.348   1.00 5.91  ? 11 DG B O6    1 
ATOM 220 N N1    . DG B 1 3 ? -4.736  -1.723  3.097   1.00 4.43  ? 11 DG B N1    1 
ATOM 221 C C2    . DG B 1 3 ? -5.946  -2.344  2.912   1.00 3.09  ? 11 DG B C2    1 
ATOM 222 N N2    . DG B 1 3 ? -7.042  -1.572  2.872   1.00 2.72  ? 11 DG B N2    1 
ATOM 223 N N3    . DG B 1 3 ? -6.091  -3.644  2.749   1.00 2.97  ? 11 DG B N3    1 
ATOM 224 C C4    . DG B 1 3 ? -4.906  -4.303  2.813   1.00 3.05  ? 11 DG B C4    1 
ATOM 225 P P     . DG B 1 4 ? -5.137  -7.851  -2.128  1.00 13.21 ? 12 DG B P     1 
ATOM 226 O OP1   . DG B 1 4 ? -5.642  -8.770  -3.186  1.00 14.04 ? 12 DG B OP1   1 
ATOM 227 O OP2   . DG B 1 4 ? -3.669  -7.730  -2.057  1.00 12.08 ? 12 DG B OP2   1 
ATOM 228 O "O5'" . DG B 1 4 ? -5.760  -6.404  -2.332  1.00 10.45 ? 12 DG B "O5'" 1 
ATOM 229 C "C5'" . DG B 1 4 ? -7.117  -6.253  -2.790  1.00 8.46  ? 12 DG B "C5'" 1 
ATOM 230 C "C4'" . DG B 1 4 ? -7.508  -4.814  -2.635  1.00 7.02  ? 12 DG B "C4'" 1 
ATOM 231 O "O4'" . DG B 1 4 ? -7.180  -4.333  -1.328  1.00 4.79  ? 12 DG B "O4'" 1 
ATOM 232 C "C3'" . DG B 1 4 ? -6.851  -3.826  -3.570  1.00 6.46  ? 12 DG B "C3'" 1 
ATOM 233 O "O3'" . DG B 1 4 ? -7.410  -3.890  -4.893  1.00 10.59 ? 12 DG B "O3'" 1 
ATOM 234 C "C2'" . DG B 1 4 ? -7.103  -2.512  -2.874  1.00 6.45  ? 12 DG B "C2'" 1 
ATOM 235 C "C1'" . DG B 1 4 ? -6.888  -2.927  -1.435  1.00 5.34  ? 12 DG B "C1'" 1 
ATOM 236 N N9    . DG B 1 4 ? -5.526  -2.627  -0.998  1.00 4.34  ? 12 DG B N9    1 
ATOM 237 C C8    . DG B 1 4 ? -4.436  -3.465  -0.855  1.00 4.76  ? 12 DG B C8    1 
ATOM 238 N N7    . DG B 1 4 ? -3.384  -2.858  -0.421  1.00 5.54  ? 12 DG B N7    1 
ATOM 239 C C5    . DG B 1 4 ? -3.773  -1.536  -0.251  1.00 4.06  ? 12 DG B C5    1 
ATOM 240 C C6    . DG B 1 4 ? -3.019  -0.415  0.158   1.00 3.54  ? 12 DG B C6    1 
ATOM 241 O O6    . DG B 1 4 ? -1.841  -0.372  0.507   1.00 2.40  ? 12 DG B O6    1 
ATOM 242 N N1    . DG B 1 4 ? -3.772  0.759   0.098   1.00 4.25  ? 12 DG B N1    1 
ATOM 243 C C2    . DG B 1 4 ? -5.094  0.822   -0.259  1.00 3.67  ? 12 DG B C2    1 
ATOM 244 N N2    . DG B 1 4 ? -5.665  2.025   -0.195  1.00 5.86  ? 12 DG B N2    1 
ATOM 245 N N3    . DG B 1 4 ? -5.811  -0.225  -0.626  1.00 5.60  ? 12 DG B N3    1 
ATOM 246 C C4    . DG B 1 4 ? -5.087  -1.373  -0.612  1.00 4.92  ? 12 DG B C4    1 
ATOM 247 P P     . DC B 1 5 ? -6.437  -4.084  -6.144  1.00 9.86  ? 13 DC B P     1 
ATOM 248 O OP1   . DC B 1 5 ? -7.165  -4.789  -7.199  1.00 11.96 ? 13 DC B OP1   1 
ATOM 249 O OP2   . DC B 1 5 ? -5.142  -4.696  -5.745  1.00 7.46  ? 13 DC B OP2   1 
ATOM 250 O "O5'" . DC B 1 5 ? -6.156  -2.560  -6.536  1.00 12.42 ? 13 DC B "O5'" 1 
ATOM 251 C "C5'" . DC B 1 5 ? -7.137  -1.646  -7.036  1.00 12.38 ? 13 DC B "C5'" 1 
ATOM 252 C "C4'" . DC B 1 5 ? -6.754  -0.240  -6.658  1.00 11.62 ? 13 DC B "C4'" 1 
ATOM 253 O "O4'" . DC B 1 5 ? -6.488  -0.195  -5.238  1.00 11.46 ? 13 DC B "O4'" 1 
ATOM 254 C "C3'" . DC B 1 5 ? -5.471  0.318   -7.269  1.00 12.91 ? 13 DC B "C3'" 1 
ATOM 255 O "O3'" . DC B 1 5 ? -5.652  0.802   -8.611  1.00 13.81 ? 13 DC B "O3'" 1 
ATOM 256 C "C2'" . DC B 1 5 ? -5.216  1.478   -6.297  1.00 10.12 ? 13 DC B "C2'" 1 
ATOM 257 C "C1'" . DC B 1 5 ? -5.432  0.729   -5.001  1.00 7.10  ? 13 DC B "C1'" 1 
ATOM 258 N N1    . DC B 1 5 ? -4.233  0.216   -4.374  1.00 5.91  ? 13 DC B N1    1 
ATOM 259 C C2    . DC B 1 5 ? -3.395  1.154   -3.720  1.00 6.84  ? 13 DC B C2    1 
ATOM 260 O O2    . DC B 1 5 ? -3.713  2.349   -3.807  1.00 8.88  ? 13 DC B O2    1 
ATOM 261 N N3    . DC B 1 5 ? -2.277  0.732   -3.102  1.00 5.97  ? 13 DC B N3    1 
ATOM 262 C C4    . DC B 1 5 ? -1.980  -0.574  -3.096  1.00 6.41  ? 13 DC B C4    1 
ATOM 263 N N4    . DC B 1 5 ? -0.866  -0.965  -2.471  1.00 6.43  ? 13 DC B N4    1 
ATOM 264 C C5    . DC B 1 5 ? -2.825  -1.542  -3.693  1.00 4.00  ? 13 DC B C5    1 
ATOM 265 C C6    . DC B 1 5 ? -3.909  -1.110  -4.311  1.00 6.02  ? 13 DC B C6    1 
ATOM 266 P P     . DC B 1 6 ? -4.431  0.889   -9.607  1.00 13.50 ? 14 DC B P     1 
ATOM 267 O OP1   . DC B 1 6 ? -4.919  1.002   -10.997 1.00 15.15 ? 14 DC B OP1   1 
ATOM 268 O OP2   . DC B 1 6 ? -3.541  -0.300  -9.412  1.00 13.58 ? 14 DC B OP2   1 
ATOM 269 O "O5'" . DC B 1 6 ? -3.686  2.204   -9.134  1.00 14.41 ? 14 DC B "O5'" 1 
ATOM 270 C "C5'" . DC B 1 6 ? -4.235  3.473   -8.817  1.00 13.20 ? 14 DC B "C5'" 1 
ATOM 271 C "C4'" . DC B 1 6 ? -3.195  4.475   -8.434  1.00 10.77 ? 14 DC B "C4'" 1 
ATOM 272 O "O4'" . DC B 1 6 ? -2.972  4.519   -7.021  1.00 11.57 ? 14 DC B "O4'" 1 
ATOM 273 C "C3'" . DC B 1 6 ? -1.835  4.505   -9.093  1.00 10.39 ? 14 DC B "C3'" 1 
ATOM 274 O "O3'" . DC B 1 6 ? -1.852  5.276   -10.307 1.00 9.50  ? 14 DC B "O3'" 1 
ATOM 275 C "C2'" . DC B 1 6 ? -0.964  5.176   -8.031  1.00 10.60 ? 14 DC B "C2'" 1 
ATOM 276 C "C1'" . DC B 1 6 ? -1.565  4.603   -6.755  1.00 8.10  ? 14 DC B "C1'" 1 
ATOM 277 N N1    . DC B 1 6 ? -0.909  3.357   -6.357  1.00 7.09  ? 14 DC B N1    1 
ATOM 278 C C2    . DC B 1 6 ? 0.231   3.457   -5.539  1.00 5.65  ? 14 DC B C2    1 
ATOM 279 O O2    . DC B 1 6 ? 0.627   4.580   -5.196  1.00 6.90  ? 14 DC B O2    1 
ATOM 280 N N3    . DC B 1 6 ? 0.857   2.331   -5.137  1.00 3.09  ? 14 DC B N3    1 
ATOM 281 C C4    . DC B 1 6 ? 0.406   1.145   -5.532  1.00 3.72  ? 14 DC B C4    1 
ATOM 282 N N4    . DC B 1 6 ? 1.063   0.057   -5.122  1.00 7.01  ? 14 DC B N4    1 
ATOM 283 C C5    . DC B 1 6 ? -0.735  1.022   -6.357  1.00 3.58  ? 14 DC B C5    1 
ATOM 284 C C6    . DC B 1 6 ? -1.337  2.132   -6.766  1.00 4.96  ? 14 DC B C6    1 
ATOM 285 P P     . DC B 1 7 ? -0.658  5.248   -11.350 1.00 9.82  ? 15 DC B P     1 
ATOM 286 O OP1   . DC B 1 7 ? -0.902  6.294   -12.377 1.00 13.15 ? 15 DC B OP1   1 
ATOM 287 O OP2   . DC B 1 7 ? -0.518  3.883   -11.892 1.00 9.46  ? 15 DC B OP2   1 
ATOM 288 O "O5'" . DC B 1 7 ? 0.629   5.638   -10.513 1.00 9.56  ? 15 DC B "O5'" 1 
ATOM 289 C "C5'" . DC B 1 7 ? 1.046   6.997   -10.309 1.00 6.42  ? 15 DC B "C5'" 1 
ATOM 290 C "C4'" . DC B 1 7 ? 2.262   6.970   -9.456  1.00 5.22  ? 15 DC B "C4'" 1 
ATOM 291 O "O4'" . DC B 1 7 ? 2.089   6.277   -8.228  1.00 6.21  ? 15 DC B "O4'" 1 
ATOM 292 C "C3'" . DC B 1 7 ? 3.491   6.281   -10.082 1.00 7.28  ? 15 DC B "C3'" 1 
ATOM 293 O "O3'" . DC B 1 7 ? 4.002   7.212   -11.022 1.00 10.08 ? 15 DC B "O3'" 1 
ATOM 294 C "C2'" . DC B 1 7 ? 4.369   6.252   -8.821  1.00 8.04  ? 15 DC B "C2'" 1 
ATOM 295 C "C1'" . DC B 1 7 ? 3.332   5.655   -7.879  1.00 5.63  ? 15 DC B "C1'" 1 
ATOM 296 N N1    . DC B 1 7 ? 3.346   4.194   -7.822  1.00 3.40  ? 15 DC B N1    1 
ATOM 297 C C2    . DC B 1 7 ? 4.375   3.603   -7.065  1.00 4.47  ? 15 DC B C2    1 
ATOM 298 O O2    . DC B 1 7 ? 5.220   4.349   -6.554  1.00 5.13  ? 15 DC B O2    1 
ATOM 299 N N3    . DC B 1 7 ? 4.394   2.265   -6.913  1.00 5.74  ? 15 DC B N3    1 
ATOM 300 C C4    . DC B 1 7 ? 3.465   1.513   -7.501  1.00 5.10  ? 15 DC B C4    1 
ATOM 301 N N4    . DC B 1 7 ? 3.553   0.188   -7.340  1.00 6.41  ? 15 DC B N4    1 
ATOM 302 C C5    . DC B 1 7 ? 2.426   2.094   -8.273  1.00 4.69  ? 15 DC B C5    1 
ATOM 303 C C6    . DC B 1 7 ? 2.416   3.408   -8.414  1.00 4.19  ? 15 DC B C6    1 
ATOM 304 P P     . DC B 1 8 ? 5.202   7.015   -12.010 1.00 10.94 ? 16 DC B P     1 
ATOM 305 O OP1   . DC B 1 8 ? 5.413   8.385   -12.573 1.00 13.31 ? 16 DC B OP1   1 
ATOM 306 O OP2   . DC B 1 8 ? 4.854   5.950   -12.975 1.00 10.55 ? 16 DC B OP2   1 
ATOM 307 O "O5'" . DC B 1 8 ? 6.438   6.551   -11.108 1.00 14.36 ? 16 DC B "O5'" 1 
ATOM 308 C "C5'" . DC B 1 8 ? 7.516   7.458   -10.801 1.00 15.57 ? 16 DC B "C5'" 1 
ATOM 309 C "C4'" . DC B 1 8 ? 8.681   6.925   -10.090 1.00 14.74 ? 16 DC B "C4'" 1 
ATOM 310 O "O4'" . DC B 1 8 ? 8.443   6.092   -8.976  1.00 12.70 ? 16 DC B "O4'" 1 
ATOM 311 C "C3'" . DC B 1 8 ? 9.872   6.414   -10.859 1.00 13.15 ? 16 DC B "C3'" 1 
ATOM 312 O "O3'" . DC B 1 8 ? 11.056  7.166   -10.509 1.00 16.57 ? 16 DC B "O3'" 1 
ATOM 313 C "C2'" . DC B 1 8 ? 9.969   4.980   -10.432 1.00 12.83 ? 16 DC B "C2'" 1 
ATOM 314 C "C1'" . DC B 1 8 ? 9.214   4.898   -9.119  1.00 11.87 ? 16 DC B "C1'" 1 
ATOM 315 N N1    . DC B 1 8 ? 8.431   3.666   -9.002  1.00 10.24 ? 16 DC B N1    1 
ATOM 316 C C2    . DC B 1 8 ? 8.997   2.588   -8.311  1.00 9.57  ? 16 DC B C2    1 
ATOM 317 O O2    . DC B 1 8 ? 10.079  2.734   -7.744  1.00 12.44 ? 16 DC B O2    1 
ATOM 318 N N3    . DC B 1 8 ? 8.326   1.418   -8.270  1.00 10.43 ? 16 DC B N3    1 
ATOM 319 C C4    . DC B 1 8 ? 7.154   1.291   -8.895  1.00 11.25 ? 16 DC B C4    1 
ATOM 320 N N4    . DC B 1 8 ? 6.497   0.131   -8.800  1.00 11.44 ? 16 DC B N4    1 
ATOM 321 C C5    . DC B 1 8 ? 6.587   2.371   -9.637  1.00 10.13 ? 16 DC B C5    1 
ATOM 322 C C6    . DC B 1 8 ? 7.250   3.514   -9.669  1.00 10.85 ? 16 DC B C6    1 
# 
